data_7S8K
#
_entry.id   7S8K
#
_cell.length_a   137.346
_cell.length_b   55.975
_cell.length_c   91.907
_cell.angle_alpha   90.000
_cell.angle_beta   126.564
_cell.angle_gamma   90.000
#
_symmetry.space_group_name_H-M   'C 1 2 1'
#
loop_
_entity.id
_entity.type
_entity.pdbx_description
1 polymer Cellulase
2 non-polymer GLYCEROL
3 non-polymer 3,6,9,12,15,18,21,24,27,30,33,36,39-TRIDECAOXAHENTETRACONTANE-1,41-DIOL
4 non-polymer 'CALCIUM ION'
5 non-polymer 'CHLORIDE ION'
6 water water
#
_entity_poly.entity_id   1
_entity_poly.type   'polypeptide(L)'
_entity_poly.pdbx_seq_one_letter_code
;FQGVIKIRYPDDGQWPEAPIDGDGDGNPEFYIEINPWNIQSAEGYAEMTYNLSTGVLHYVQALDDITLKNGGSWVHGYPE
IFYGNKPWNNNYATDGEVPLPGKVSNLSNFYLSVSYKLLPKNGLPINFAIESWLTREPWRNSGINSDEQELMIWLYYDGL
QPAGSKVKEIIVPIVVNGTPVNATFEVWKANIGWEYIAFRIKTPIKEGTVTIPYGAFISAAANVTSLANYTELYLEDVEV
GTEYGTPSTTSAHLEWWFYNVSLEYRPGEPLLSQPPAEGSAP
;
_entity_poly.pdbx_strand_id   A,B
#
# COMPACT_ATOMS: atom_id res chain seq x y z
N GLN A 2 26.82 -30.83 9.04
CA GLN A 2 25.92 -31.09 10.16
C GLN A 2 25.36 -29.78 10.72
N GLY A 3 24.22 -29.84 11.36
CA GLY A 3 23.63 -28.64 11.89
C GLY A 3 23.15 -27.69 10.79
N VAL A 4 22.07 -28.04 10.14
CA VAL A 4 21.56 -27.24 9.05
C VAL A 4 20.08 -26.95 9.19
N ILE A 5 19.72 -25.69 9.11
CA ILE A 5 18.32 -25.27 9.14
C ILE A 5 17.84 -25.14 7.70
N LYS A 6 16.85 -25.95 7.33
CA LYS A 6 16.40 -26.07 5.94
C LYS A 6 14.93 -25.74 5.85
N ILE A 7 14.59 -24.76 5.02
CA ILE A 7 13.21 -24.46 4.65
C ILE A 7 13.07 -24.67 3.14
N ARG A 8 11.91 -25.15 2.72
CA ARG A 8 11.75 -25.56 1.33
C ARG A 8 10.34 -25.26 0.85
N TYR A 9 10.24 -25.02 -0.46
CA TYR A 9 9.01 -24.65 -1.14
C TYR A 9 8.78 -25.59 -2.32
N PRO A 10 7.53 -26.03 -2.53
CA PRO A 10 6.32 -25.68 -1.78
C PRO A 10 5.96 -26.67 -0.69
N ASP A 11 6.96 -27.36 -0.13
CA ASP A 11 6.68 -28.42 0.83
C ASP A 11 6.25 -27.86 2.19
N ASP A 12 6.97 -26.87 2.70
CA ASP A 12 6.67 -26.30 4.01
C ASP A 12 5.53 -25.30 3.93
N GLY A 13 4.57 -25.54 3.05
CA GLY A 13 3.52 -24.57 2.82
C GLY A 13 3.99 -23.50 1.86
N GLN A 14 3.20 -22.43 1.80
CA GLN A 14 3.49 -21.31 0.90
C GLN A 14 4.22 -20.16 1.58
N TRP A 15 4.53 -20.28 2.87
CA TRP A 15 5.38 -19.33 3.59
C TRP A 15 6.46 -20.08 4.34
N PRO A 16 7.40 -20.72 3.62
CA PRO A 16 8.49 -21.44 4.30
C PRO A 16 9.41 -20.47 5.02
N GLU A 17 9.45 -20.59 6.35
CA GLU A 17 10.23 -19.68 7.17
C GLU A 17 10.72 -20.43 8.40
N ALA A 18 11.74 -19.86 9.05
CA ALA A 18 12.31 -20.45 10.25
C ALA A 18 13.20 -19.45 10.99
N PRO A 19 13.25 -19.52 12.33
CA PRO A 19 14.20 -18.70 13.07
C PRO A 19 15.59 -19.34 13.10
N ILE A 20 16.60 -18.50 13.28
CA ILE A 20 17.96 -18.95 13.53
C ILE A 20 18.29 -18.60 14.98
N ASP A 21 18.37 -19.63 15.82
CA ASP A 21 18.58 -19.48 17.26
C ASP A 21 19.76 -20.37 17.65
N GLY A 22 20.97 -19.87 17.41
CA GLY A 22 22.16 -20.68 17.62
C GLY A 22 22.37 -21.10 19.06
N ASP A 23 22.01 -20.24 20.01
CA ASP A 23 22.20 -20.54 21.42
C ASP A 23 20.98 -21.14 22.09
N GLY A 24 19.84 -21.21 21.39
CA GLY A 24 18.66 -21.83 21.94
C GLY A 24 18.05 -21.11 23.12
N ASP A 25 18.15 -19.79 23.17
CA ASP A 25 17.58 -19.01 24.26
C ASP A 25 16.16 -18.55 23.98
N GLY A 26 15.61 -18.86 22.81
CA GLY A 26 14.26 -18.49 22.45
C GLY A 26 14.15 -17.24 21.59
N ASN A 27 15.19 -16.41 21.57
CA ASN A 27 15.20 -15.21 20.75
C ASN A 27 16.06 -15.44 19.53
N PRO A 28 15.53 -15.34 18.32
CA PRO A 28 16.35 -15.62 17.13
C PRO A 28 17.38 -14.52 16.88
N GLU A 29 18.56 -14.94 16.42
CA GLU A 29 19.53 -13.97 15.91
C GLU A 29 19.11 -13.46 14.54
N PHE A 30 18.52 -14.34 13.73
CA PHE A 30 18.07 -13.98 12.40
C PHE A 30 16.83 -14.79 12.08
N TYR A 31 16.14 -14.39 11.01
CA TYR A 31 14.98 -15.13 10.50
C TYR A 31 15.12 -15.25 8.98
N ILE A 32 14.89 -16.45 8.47
CA ILE A 32 14.97 -16.72 7.04
C ILE A 32 13.58 -17.03 6.50
N GLU A 33 13.26 -16.47 5.34
CA GLU A 33 11.99 -16.72 4.66
C GLU A 33 12.27 -16.91 3.17
N ILE A 34 11.62 -17.91 2.57
CA ILE A 34 11.67 -18.04 1.12
C ILE A 34 10.86 -16.93 0.46
N ASN A 35 9.75 -16.55 1.09
CA ASN A 35 9.00 -15.34 0.74
C ASN A 35 8.66 -15.23 -0.74
N PRO A 36 7.86 -16.14 -1.29
CA PRO A 36 7.40 -15.99 -2.69
C PRO A 36 6.07 -15.22 -2.73
N TRP A 37 6.12 -13.97 -2.27
CA TRP A 37 4.89 -13.28 -1.89
C TRP A 37 4.00 -12.93 -3.08
N ASN A 38 4.54 -12.82 -4.28
CA ASN A 38 3.74 -12.52 -5.46
C ASN A 38 3.52 -13.75 -6.34
N ILE A 39 3.83 -14.94 -5.85
CA ILE A 39 3.67 -16.16 -6.62
C ILE A 39 2.34 -16.81 -6.27
N GLN A 40 1.44 -16.88 -7.26
CA GLN A 40 0.15 -17.52 -7.06
C GLN A 40 0.22 -19.02 -7.29
N SER A 41 0.86 -19.43 -8.39
CA SER A 41 1.06 -20.84 -8.68
C SER A 41 2.37 -21.01 -9.45
N ALA A 42 3.03 -22.13 -9.22
CA ALA A 42 4.29 -22.43 -9.90
C ALA A 42 4.60 -23.90 -9.71
N GLU A 43 5.55 -24.38 -10.50
CA GLU A 43 6.06 -25.73 -10.39
C GLU A 43 7.57 -25.70 -10.28
N GLY A 44 8.12 -26.71 -9.61
CA GLY A 44 9.53 -26.79 -9.33
C GLY A 44 9.80 -26.82 -7.83
N TYR A 45 10.77 -26.02 -7.40
CA TYR A 45 11.10 -25.98 -5.98
C TYR A 45 11.99 -24.78 -5.69
N ALA A 46 11.96 -24.38 -4.41
CA ALA A 46 12.87 -23.40 -3.85
C ALA A 46 13.32 -23.91 -2.49
N GLU A 47 14.61 -23.81 -2.22
CA GLU A 47 15.18 -24.33 -0.98
C GLU A 47 16.16 -23.32 -0.42
N MET A 48 16.08 -23.08 0.89
CA MET A 48 17.03 -22.23 1.59
C MET A 48 17.63 -23.01 2.74
N THR A 49 18.96 -22.97 2.85
CA THR A 49 19.69 -23.79 3.81
C THR A 49 20.64 -22.89 4.59
N TYR A 50 20.60 -23.00 5.92
CA TYR A 50 21.52 -22.28 6.78
C TYR A 50 22.35 -23.30 7.56
N ASN A 51 23.63 -23.37 7.23
CA ASN A 51 24.57 -24.21 7.96
C ASN A 51 25.01 -23.48 9.23
N LEU A 52 24.50 -23.91 10.38
CA LEU A 52 24.83 -23.26 11.64
C LEU A 52 26.32 -23.40 11.98
N SER A 53 26.98 -24.43 11.46
CA SER A 53 28.40 -24.62 11.74
C SER A 53 29.25 -23.64 10.94
N THR A 54 29.01 -23.55 9.62
CA THR A 54 29.79 -22.66 8.76
C THR A 54 29.21 -21.26 8.65
N GLY A 55 27.93 -21.08 8.98
CA GLY A 55 27.32 -19.76 8.90
C GLY A 55 26.95 -19.31 7.52
N VAL A 56 27.00 -20.18 6.52
CA VAL A 56 26.68 -19.83 5.14
C VAL A 56 25.19 -20.07 4.90
N LEU A 57 24.56 -19.14 4.20
CA LEU A 57 23.16 -19.27 3.78
C LEU A 57 23.13 -19.57 2.28
N HIS A 58 22.59 -20.73 1.92
CA HIS A 58 22.57 -21.20 0.54
C HIS A 58 21.12 -21.31 0.08
N TYR A 59 20.82 -20.67 -1.05
CA TYR A 59 19.47 -20.64 -1.60
C TYR A 59 19.50 -21.18 -3.03
N VAL A 60 18.71 -22.23 -3.27
CA VAL A 60 18.52 -22.78 -4.60
C VAL A 60 17.05 -22.61 -4.97
N GLN A 61 16.80 -22.21 -6.22
CA GLN A 61 15.44 -21.99 -6.70
C GLN A 61 15.33 -22.44 -8.14
N ALA A 62 14.26 -23.19 -8.45
CA ALA A 62 14.04 -23.71 -9.79
C ALA A 62 12.53 -23.72 -10.02
N LEU A 63 11.99 -22.56 -10.36
CA LEU A 63 10.56 -22.38 -10.52
C LEU A 63 10.20 -22.21 -11.99
N ASP A 64 9.02 -22.73 -12.35
CA ASP A 64 8.58 -22.73 -13.74
C ASP A 64 7.07 -22.58 -13.77
N ASP A 65 6.57 -22.09 -14.91
CA ASP A 65 5.14 -21.85 -15.12
C ASP A 65 4.58 -20.98 -14.00
N ILE A 66 5.29 -19.90 -13.71
CA ILE A 66 4.92 -19.01 -12.61
C ILE A 66 3.75 -18.13 -13.04
N THR A 67 2.65 -18.22 -12.29
CA THR A 67 1.53 -17.29 -12.44
C THR A 67 1.58 -16.31 -11.28
N LEU A 68 1.65 -15.02 -11.60
CA LEU A 68 1.79 -14.00 -10.57
C LEU A 68 0.47 -13.75 -9.87
N LYS A 69 0.56 -13.27 -8.63
CA LYS A 69 -0.64 -12.94 -7.85
C LYS A 69 -1.14 -11.53 -8.18
N ASN A 70 -0.23 -10.56 -8.21
CA ASN A 70 -0.51 -9.21 -8.71
C ASN A 70 0.53 -8.95 -9.80
N GLY A 71 0.11 -9.05 -11.06
CA GLY A 71 1.04 -8.83 -12.16
C GLY A 71 1.65 -7.44 -12.13
N GLY A 72 0.88 -6.45 -11.68
CA GLY A 72 1.38 -5.10 -11.59
C GLY A 72 2.44 -4.90 -10.54
N SER A 73 2.61 -5.85 -9.65
CA SER A 73 3.60 -5.78 -8.61
C SER A 73 4.97 -6.16 -9.11
N TRP A 74 5.08 -6.41 -10.39
CA TRP A 74 6.31 -6.74 -11.09
C TRP A 74 7.07 -8.00 -10.73
N VAL A 75 7.66 -8.01 -9.56
CA VAL A 75 8.53 -9.07 -9.04
C VAL A 75 7.75 -10.28 -8.56
N HIS A 76 8.44 -11.41 -8.37
CA HIS A 76 7.78 -12.62 -7.92
C HIS A 76 7.90 -12.81 -6.40
N GLY A 77 9.05 -12.49 -5.84
CA GLY A 77 9.23 -12.71 -4.42
C GLY A 77 10.50 -12.06 -3.92
N TYR A 78 10.86 -12.43 -2.69
CA TYR A 78 12.00 -11.85 -2.03
C TYR A 78 12.57 -12.82 -1.00
N PRO A 79 13.20 -13.91 -1.42
CA PRO A 79 13.88 -14.79 -0.45
C PRO A 79 14.96 -14.02 0.31
N GLU A 80 14.97 -14.17 1.63
CA GLU A 80 15.67 -13.19 2.44
C GLU A 80 16.07 -13.78 3.78
N ILE A 81 17.00 -13.09 4.43
CA ILE A 81 17.26 -13.23 5.86
C ILE A 81 17.17 -11.83 6.46
N PHE A 82 16.63 -11.73 7.68
CA PHE A 82 16.47 -10.42 8.28
C PHE A 82 16.71 -10.47 9.78
N TYR A 83 17.00 -9.29 10.33
CA TYR A 83 17.14 -9.07 11.75
C TYR A 83 16.18 -7.95 12.16
N GLY A 84 15.55 -8.11 13.32
CA GLY A 84 14.60 -7.11 13.79
C GLY A 84 13.18 -7.59 13.77
N ASN A 85 12.24 -6.70 13.49
CA ASN A 85 10.81 -7.02 13.47
C ASN A 85 10.28 -6.79 12.06
N LYS A 86 9.84 -7.87 11.41
CA LYS A 86 9.22 -7.72 10.10
C LYS A 86 7.77 -7.29 10.26
N PRO A 87 7.36 -6.17 9.68
CA PRO A 87 6.00 -5.67 9.91
C PRO A 87 4.92 -6.39 9.12
N TRP A 88 5.29 -7.26 8.18
CA TRP A 88 4.30 -7.89 7.31
C TRP A 88 3.83 -9.24 7.80
N ASN A 89 4.43 -9.78 8.86
CA ASN A 89 3.95 -11.01 9.48
C ASN A 89 4.25 -10.92 10.98
N ASN A 90 4.29 -12.07 11.64
CA ASN A 90 4.53 -12.13 13.08
C ASN A 90 5.95 -12.51 13.43
N ASN A 91 6.85 -12.56 12.45
CA ASN A 91 8.21 -13.01 12.69
C ASN A 91 9.07 -11.87 13.23
N TYR A 92 10.03 -12.22 14.08
CA TYR A 92 10.95 -11.25 14.64
C TYR A 92 12.24 -11.95 15.02
N ALA A 93 13.31 -11.15 15.15
CA ALA A 93 14.62 -11.67 15.54
C ALA A 93 15.39 -10.49 16.12
N THR A 94 15.53 -10.47 17.45
CA THR A 94 16.09 -9.33 18.16
C THR A 94 17.28 -9.69 19.03
N ASP A 95 17.82 -10.90 18.91
CA ASP A 95 19.02 -11.28 19.68
C ASP A 95 20.24 -10.79 18.91
N GLY A 96 20.58 -9.52 19.12
CA GLY A 96 21.69 -8.93 18.40
C GLY A 96 22.10 -7.61 18.99
N GLU A 97 23.14 -7.02 18.39
CA GLU A 97 23.71 -5.78 18.89
C GLU A 97 22.74 -4.62 18.74
N VAL A 98 22.21 -4.41 17.54
CA VAL A 98 21.43 -3.21 17.25
C VAL A 98 20.04 -3.36 17.84
N PRO A 99 19.57 -2.40 18.63
CA PRO A 99 18.22 -2.51 19.24
C PRO A 99 17.10 -2.22 18.24
N LEU A 100 16.91 -3.16 17.31
CA LEU A 100 15.79 -3.07 16.40
C LEU A 100 14.61 -3.88 16.92
N PRO A 101 13.38 -3.34 16.88
CA PRO A 101 13.06 -2.02 16.31
C PRO A 101 13.37 -0.87 17.25
N GLY A 102 13.97 0.19 16.70
N GLY A 102 13.97 0.19 16.70
CA GLY A 102 14.29 1.36 17.48
CA GLY A 102 14.29 1.36 17.48
C GLY A 102 13.91 2.63 16.74
C GLY A 102 13.91 2.63 16.74
N LYS A 103 13.64 3.67 17.53
CA LYS A 103 13.29 4.96 16.94
C LYS A 103 14.50 5.57 16.25
N VAL A 104 14.24 6.23 15.10
CA VAL A 104 15.33 6.80 14.32
C VAL A 104 16.10 7.84 15.13
N SER A 105 15.38 8.71 15.84
CA SER A 105 16.03 9.72 16.66
C SER A 105 16.66 9.14 17.93
N ASN A 106 16.33 7.91 18.29
CA ASN A 106 16.91 7.26 19.45
C ASN A 106 18.08 6.34 19.12
N LEU A 107 18.20 5.91 17.86
CA LEU A 107 19.15 4.88 17.49
C LEU A 107 20.54 5.45 17.24
N SER A 108 21.54 4.60 17.41
CA SER A 108 22.92 4.91 17.07
C SER A 108 23.25 4.30 15.71
N ASN A 109 24.37 4.74 15.14
CA ASN A 109 24.79 4.26 13.83
C ASN A 109 25.24 2.80 13.92
N PHE A 110 25.17 2.11 12.78
CA PHE A 110 25.64 0.74 12.68
C PHE A 110 26.01 0.42 11.24
N TYR A 111 26.97 -0.48 11.09
CA TYR A 111 27.48 -0.91 9.79
C TYR A 111 26.95 -2.30 9.46
N LEU A 112 26.55 -2.49 8.20
CA LEU A 112 26.05 -3.77 7.72
C LEU A 112 27.06 -4.39 6.76
N SER A 113 27.46 -5.63 7.04
CA SER A 113 28.41 -6.36 6.22
C SER A 113 27.73 -7.58 5.63
N VAL A 114 27.85 -7.75 4.32
CA VAL A 114 27.37 -8.96 3.63
C VAL A 114 28.47 -9.45 2.70
N SER A 115 28.68 -10.76 2.70
CA SER A 115 29.55 -11.43 1.75
C SER A 115 28.71 -12.44 0.99
N TYR A 116 28.72 -12.36 -0.33
CA TYR A 116 27.73 -13.10 -1.11
C TYR A 116 28.26 -13.37 -2.51
N LYS A 117 27.50 -14.21 -3.23
CA LYS A 117 27.74 -14.52 -4.63
C LYS A 117 26.40 -14.88 -5.25
N LEU A 118 26.09 -14.28 -6.39
CA LEU A 118 24.78 -14.44 -7.02
C LEU A 118 24.89 -15.21 -8.32
N LEU A 119 23.88 -16.04 -8.60
CA LEU A 119 23.81 -16.82 -9.84
C LEU A 119 22.39 -16.80 -10.38
N PRO A 120 21.97 -15.70 -11.00
CA PRO A 120 20.71 -15.73 -11.77
C PRO A 120 20.90 -16.51 -13.07
N LYS A 121 20.02 -17.48 -13.29
CA LYS A 121 20.12 -18.37 -14.44
C LYS A 121 19.28 -17.85 -15.60
N ASN A 122 19.79 -18.03 -16.81
CA ASN A 122 19.05 -17.72 -18.04
C ASN A 122 18.63 -16.26 -18.09
N GLY A 123 19.47 -15.37 -17.55
CA GLY A 123 19.18 -13.95 -17.61
C GLY A 123 17.97 -13.53 -16.81
N LEU A 124 17.64 -14.27 -15.75
CA LEU A 124 16.51 -13.93 -14.91
C LEU A 124 16.74 -12.57 -14.26
N PRO A 125 15.83 -11.61 -14.40
CA PRO A 125 16.01 -10.31 -13.73
C PRO A 125 15.94 -10.46 -12.22
N ILE A 126 17.01 -10.05 -11.54
CA ILE A 126 17.12 -10.12 -10.09
C ILE A 126 17.72 -8.81 -9.59
N ASN A 127 17.81 -8.71 -8.25
CA ASN A 127 18.65 -7.70 -7.61
C ASN A 127 19.17 -8.28 -6.31
N PHE A 128 20.17 -7.61 -5.74
CA PHE A 128 20.56 -7.83 -4.35
C PHE A 128 20.06 -6.62 -3.58
N ALA A 129 18.99 -6.80 -2.81
CA ALA A 129 18.26 -5.68 -2.22
C ALA A 129 18.27 -5.81 -0.70
N ILE A 130 18.89 -4.85 -0.04
CA ILE A 130 18.73 -4.64 1.40
C ILE A 130 17.54 -3.72 1.59
N GLU A 131 16.68 -4.02 2.57
CA GLU A 131 15.49 -3.21 2.72
C GLU A 131 15.09 -3.14 4.19
N SER A 132 14.51 -2.00 4.56
CA SER A 132 14.07 -1.72 5.92
C SER A 132 12.71 -1.05 5.86
N TRP A 133 11.91 -1.25 6.90
CA TRP A 133 10.63 -0.58 7.07
C TRP A 133 10.69 0.35 8.26
N LEU A 134 9.99 1.47 8.17
CA LEU A 134 9.99 2.48 9.22
C LEU A 134 8.53 2.83 9.54
N THR A 135 8.05 2.33 10.67
CA THR A 135 6.65 2.41 11.06
C THR A 135 6.49 3.38 12.23
N ARG A 136 5.23 3.60 12.62
CA ARG A 136 4.92 4.49 13.73
C ARG A 136 4.92 3.79 15.09
N GLU A 137 4.63 2.50 15.12
CA GLU A 137 4.63 1.67 16.33
C GLU A 137 5.81 0.69 16.22
N PRO A 138 6.45 0.31 17.33
CA PRO A 138 7.65 -0.56 17.20
C PRO A 138 7.34 -1.98 16.77
N TRP A 139 6.25 -2.57 17.23
CA TRP A 139 5.98 -3.98 16.99
C TRP A 139 4.78 -4.12 16.06
N ARG A 140 4.99 -3.78 14.78
CA ARG A 140 3.96 -3.90 13.78
C ARG A 140 3.93 -5.31 13.22
N ASN A 141 2.72 -5.80 12.93
CA ASN A 141 2.56 -7.12 12.33
C ASN A 141 1.50 -7.17 11.24
N SER A 142 0.89 -6.04 10.90
CA SER A 142 -0.27 -6.03 10.02
C SER A 142 -0.08 -5.25 8.73
N GLY A 143 1.10 -4.67 8.49
CA GLY A 143 1.37 -4.01 7.23
C GLY A 143 1.93 -2.62 7.43
N ILE A 144 1.81 -1.80 6.39
CA ILE A 144 2.39 -0.46 6.35
C ILE A 144 1.29 0.54 6.01
N ASN A 145 1.41 1.74 6.59
CA ASN A 145 0.46 2.81 6.37
C ASN A 145 1.04 3.87 5.43
N SER A 146 0.23 4.89 5.13
CA SER A 146 0.62 5.89 4.14
C SER A 146 1.70 6.82 4.67
N ASP A 147 1.72 7.06 5.98
CA ASP A 147 2.71 7.93 6.60
C ASP A 147 3.94 7.17 7.07
N GLU A 148 4.26 6.05 6.42
CA GLU A 148 5.42 5.24 6.75
C GLU A 148 6.26 5.02 5.50
N GLN A 149 7.45 4.46 5.67
CA GLN A 149 8.44 4.43 4.61
C GLN A 149 8.96 3.02 4.36
N GLU A 150 9.25 2.73 3.10
CA GLU A 150 9.99 1.55 2.69
C GLU A 150 11.33 2.03 2.13
N LEU A 151 12.42 1.66 2.81
CA LEU A 151 13.77 2.03 2.39
C LEU A 151 14.46 0.81 1.82
N MET A 152 15.01 0.96 0.61
CA MET A 152 15.71 -0.13 -0.05
C MET A 152 17.11 0.32 -0.46
N ILE A 153 18.07 -0.60 -0.36
CA ILE A 153 19.44 -0.39 -0.81
C ILE A 153 19.81 -1.54 -1.72
N TRP A 154 20.06 -1.25 -2.99
CA TRP A 154 20.40 -2.25 -3.98
C TRP A 154 21.92 -2.29 -4.16
N LEU A 155 22.53 -3.41 -3.81
CA LEU A 155 23.95 -3.63 -4.07
C LEU A 155 24.20 -4.28 -5.43
N TYR A 156 23.21 -4.99 -5.97
CA TYR A 156 23.30 -5.57 -7.30
C TYR A 156 21.93 -5.53 -7.94
N TYR A 157 21.91 -5.49 -9.27
CA TYR A 157 20.68 -5.60 -10.03
C TYR A 157 21.02 -6.09 -11.43
N ASP A 158 20.02 -6.66 -12.10
CA ASP A 158 20.17 -7.11 -13.48
C ASP A 158 18.79 -7.09 -14.12
N GLY A 159 18.59 -6.20 -15.08
CA GLY A 159 17.30 -6.10 -15.75
C GLY A 159 16.16 -5.67 -14.85
N LEU A 160 16.46 -5.10 -13.69
CA LEU A 160 15.45 -4.62 -12.75
C LEU A 160 15.69 -3.15 -12.45
N GLN A 161 14.60 -2.42 -12.27
CA GLN A 161 14.61 -0.98 -12.02
C GLN A 161 13.73 -0.67 -10.83
N PRO A 162 14.13 0.25 -9.96
CA PRO A 162 13.31 0.56 -8.78
C PRO A 162 11.98 1.19 -9.17
N ALA A 163 11.04 1.14 -8.24
CA ALA A 163 9.72 1.71 -8.47
C ALA A 163 9.77 3.22 -8.49
N GLY A 164 8.78 3.83 -9.12
CA GLY A 164 8.70 5.28 -9.17
C GLY A 164 9.66 5.85 -10.19
N SER A 165 10.43 6.85 -9.77
CA SER A 165 11.33 7.56 -10.67
C SER A 165 12.55 8.04 -9.91
N LYS A 166 13.66 8.17 -10.63
CA LYS A 166 14.89 8.65 -10.02
C LYS A 166 14.78 10.13 -9.70
N VAL A 167 15.16 10.50 -8.48
CA VAL A 167 15.10 11.89 -8.02
C VAL A 167 16.47 12.54 -8.09
N LYS A 168 17.50 11.89 -7.57
CA LYS A 168 18.85 12.43 -7.60
C LYS A 168 19.82 11.29 -7.31
N GLU A 169 21.10 11.63 -7.25
CA GLU A 169 22.15 10.68 -6.88
C GLU A 169 22.89 11.21 -5.66
N ILE A 170 23.42 10.29 -4.86
CA ILE A 170 24.21 10.64 -3.69
C ILE A 170 25.50 9.83 -3.68
N ILE A 171 26.44 10.27 -2.87
CA ILE A 171 27.70 9.56 -2.65
C ILE A 171 27.70 8.98 -1.24
N VAL A 172 27.88 7.68 -1.14
CA VAL A 172 27.99 7.03 0.16
C VAL A 172 29.31 6.27 0.25
N PRO A 173 30.14 6.52 1.26
CA PRO A 173 31.41 5.78 1.38
C PRO A 173 31.15 4.36 1.90
N ILE A 174 31.54 3.36 1.11
CA ILE A 174 31.36 1.97 1.45
C ILE A 174 32.71 1.27 1.38
N VAL A 175 32.73 -0.02 1.75
CA VAL A 175 33.93 -0.84 1.68
C VAL A 175 33.59 -2.08 0.86
N VAL A 176 34.35 -2.30 -0.21
CA VAL A 176 34.15 -3.43 -1.11
C VAL A 176 35.40 -4.30 -1.07
N ASN A 177 35.26 -5.53 -0.60
CA ASN A 177 36.36 -6.50 -0.54
C ASN A 177 37.54 -5.94 0.25
N GLY A 178 37.25 -5.20 1.32
CA GLY A 178 38.27 -4.63 2.18
C GLY A 178 38.73 -3.25 1.76
N THR A 179 38.49 -2.84 0.52
CA THR A 179 38.95 -1.54 0.05
C THR A 179 37.84 -0.52 0.19
N PRO A 180 38.06 0.59 0.88
CA PRO A 180 37.02 1.63 0.95
C PRO A 180 36.89 2.35 -0.38
N VAL A 181 35.66 2.67 -0.76
CA VAL A 181 35.39 3.30 -2.04
C VAL A 181 34.11 4.14 -1.91
N ASN A 182 34.09 5.28 -2.60
CA ASN A 182 32.90 6.13 -2.66
C ASN A 182 31.97 5.58 -3.73
N ALA A 183 30.83 5.05 -3.31
CA ALA A 183 29.82 4.57 -4.24
C ALA A 183 28.78 5.64 -4.52
N THR A 184 28.24 5.62 -5.73
CA THR A 184 27.15 6.52 -6.12
C THR A 184 25.86 5.72 -6.20
N PHE A 185 24.85 6.17 -5.48
CA PHE A 185 23.54 5.53 -5.47
C PHE A 185 22.50 6.45 -6.11
N GLU A 186 21.67 5.86 -6.98
CA GLU A 186 20.51 6.57 -7.50
C GLU A 186 19.41 6.57 -6.45
N VAL A 187 18.89 7.75 -6.15
CA VAL A 187 17.78 7.88 -5.20
C VAL A 187 16.49 7.78 -5.99
N TRP A 188 15.77 6.68 -5.81
CA TRP A 188 14.49 6.45 -6.46
C TRP A 188 13.37 6.66 -5.46
N LYS A 189 12.33 7.38 -5.88
CA LYS A 189 11.23 7.75 -4.99
C LYS A 189 9.91 7.36 -5.64
N ALA A 190 9.19 6.43 -5.00
CA ALA A 190 7.85 6.06 -5.39
C ALA A 190 6.92 6.25 -4.20
N ASN A 191 5.69 6.66 -4.47
CA ASN A 191 4.68 6.79 -3.42
C ASN A 191 3.55 5.82 -3.75
N ILE A 192 3.61 4.64 -3.15
CA ILE A 192 2.75 3.53 -3.52
C ILE A 192 1.96 3.05 -2.30
N GLY A 193 1.20 3.95 -1.70
CA GLY A 193 0.51 3.65 -0.46
C GLY A 193 1.35 3.83 0.78
N TRP A 194 2.67 3.84 0.63
CA TRP A 194 3.59 4.41 1.61
C TRP A 194 4.66 5.14 0.81
N GLU A 195 5.66 5.67 1.49
CA GLU A 195 6.80 6.25 0.78
C GLU A 195 7.82 5.17 0.50
N TYR A 196 8.27 5.09 -0.75
CA TYR A 196 9.20 4.07 -1.19
C TYR A 196 10.48 4.79 -1.65
N ILE A 197 11.56 4.60 -0.91
CA ILE A 197 12.86 5.15 -1.27
C ILE A 197 13.80 3.98 -1.53
N ALA A 198 14.40 3.95 -2.73
CA ALA A 198 15.33 2.90 -3.12
C ALA A 198 16.65 3.53 -3.53
N PHE A 199 17.73 3.12 -2.88
CA PHE A 199 19.08 3.56 -3.23
C PHE A 199 19.71 2.45 -4.06
N ARG A 200 19.79 2.67 -5.38
CA ARG A 200 20.36 1.69 -6.30
C ARG A 200 21.79 2.12 -6.64
N ILE A 201 22.75 1.26 -6.32
CA ILE A 201 24.13 1.51 -6.68
C ILE A 201 24.25 1.56 -8.20
N LYS A 202 25.14 2.42 -8.69
CA LYS A 202 25.33 2.56 -10.13
C LYS A 202 26.35 1.58 -10.69
N THR A 203 27.13 0.92 -9.84
CA THR A 203 28.05 -0.15 -10.22
C THR A 203 27.61 -1.42 -9.51
N PRO A 204 26.81 -2.27 -10.16
CA PRO A 204 26.30 -3.46 -9.47
C PRO A 204 27.40 -4.47 -9.21
N ILE A 205 27.32 -5.11 -8.04
CA ILE A 205 28.34 -6.04 -7.56
C ILE A 205 27.69 -7.42 -7.45
N LYS A 206 28.11 -8.35 -8.29
CA LYS A 206 27.50 -9.67 -8.33
C LYS A 206 28.04 -10.62 -7.26
N GLU A 207 29.24 -10.36 -6.74
CA GLU A 207 29.82 -11.20 -5.70
C GLU A 207 30.95 -10.45 -5.02
N GLY A 208 31.15 -10.75 -3.74
CA GLY A 208 32.18 -10.13 -2.93
C GLY A 208 31.63 -9.77 -1.58
N THR A 209 32.42 -9.01 -0.82
CA THR A 209 32.03 -8.52 0.49
C THR A 209 31.77 -7.03 0.39
N VAL A 210 30.64 -6.59 0.95
CA VAL A 210 30.25 -5.18 0.95
C VAL A 210 29.86 -4.79 2.36
N THR A 211 30.48 -3.72 2.87
CA THR A 211 30.11 -3.11 4.14
C THR A 211 29.63 -1.69 3.87
N ILE A 212 28.48 -1.34 4.44
CA ILE A 212 27.88 -0.03 4.21
C ILE A 212 27.52 0.61 5.56
N PRO A 213 27.54 1.93 5.67
CA PRO A 213 27.02 2.57 6.88
C PRO A 213 25.54 2.88 6.76
N TYR A 214 24.72 2.26 7.61
CA TYR A 214 23.27 2.42 7.48
C TYR A 214 22.82 3.84 7.75
N GLY A 215 23.53 4.56 8.63
CA GLY A 215 23.17 5.94 8.90
C GLY A 215 23.24 6.83 7.68
N ALA A 216 24.15 6.52 6.76
CA ALA A 216 24.24 7.30 5.53
C ALA A 216 22.94 7.25 4.74
N PHE A 217 22.30 6.09 4.69
CA PHE A 217 21.07 5.95 3.93
C PHE A 217 19.85 6.46 4.69
N ILE A 218 19.84 6.31 6.02
CA ILE A 218 18.75 6.85 6.82
C ILE A 218 18.76 8.37 6.76
N SER A 219 19.93 8.98 6.88
CA SER A 219 20.03 10.44 6.82
C SER A 219 19.68 10.95 5.43
N ALA A 220 20.13 10.26 4.38
CA ALA A 220 19.76 10.63 3.02
C ALA A 220 18.26 10.51 2.82
N ALA A 221 17.66 9.42 3.32
CA ALA A 221 16.21 9.27 3.23
C ALA A 221 15.50 10.35 4.02
N ALA A 222 16.03 10.70 5.19
CA ALA A 222 15.49 11.82 5.96
C ALA A 222 15.55 13.13 5.18
N ASN A 223 16.43 13.23 4.19
CA ASN A 223 16.61 14.44 3.42
C ASN A 223 15.69 14.52 2.20
N VAL A 224 15.34 13.38 1.59
CA VAL A 224 14.47 13.37 0.41
C VAL A 224 13.03 13.05 0.76
N THR A 225 12.73 12.72 2.01
CA THR A 225 11.39 12.24 2.36
C THR A 225 10.38 13.38 2.36
N SER A 226 9.14 13.03 2.01
CA SER A 226 7.98 13.91 2.18
C SER A 226 7.14 13.54 3.38
N LEU A 227 7.66 12.68 4.26
CA LEU A 227 6.95 12.27 5.46
C LEU A 227 7.23 13.25 6.59
N ALA A 228 6.17 13.62 7.30
CA ALA A 228 6.32 14.46 8.48
C ALA A 228 6.84 13.63 9.65
N ASN A 229 7.63 14.28 10.51
CA ASN A 229 8.17 13.65 11.71
C ASN A 229 8.89 12.34 11.39
N TYR A 230 9.76 12.40 10.37
CA TYR A 230 10.47 11.21 9.93
C TYR A 230 11.31 10.60 11.05
N THR A 231 11.96 11.44 11.86
CA THR A 231 12.81 10.96 12.93
C THR A 231 12.04 10.22 14.01
N GLU A 232 10.71 10.39 14.08
CA GLU A 232 9.90 9.69 15.06
C GLU A 232 9.51 8.28 14.62
N LEU A 233 9.84 7.89 13.39
CA LEU A 233 9.55 6.55 12.92
C LEU A 233 10.46 5.52 13.59
N TYR A 234 10.01 4.27 13.60
CA TYR A 234 10.75 3.17 14.20
C TYR A 234 11.42 2.36 13.09
N LEU A 235 12.75 2.28 13.13
CA LEU A 235 13.49 1.41 12.21
C LEU A 235 13.14 -0.02 12.54
N GLU A 236 12.31 -0.65 11.70
CA GLU A 236 11.72 -1.93 12.04
C GLU A 236 12.76 -3.04 12.04
N ASP A 237 13.52 -3.16 10.95
CA ASP A 237 14.35 -4.33 10.73
C ASP A 237 15.38 -4.01 9.65
N VAL A 238 16.23 -5.01 9.37
CA VAL A 238 17.14 -4.97 8.24
C VAL A 238 16.95 -6.29 7.49
N GLU A 239 16.42 -6.21 6.27
CA GLU A 239 16.16 -7.38 5.46
C GLU A 239 17.18 -7.45 4.33
N VAL A 240 17.76 -8.64 4.14
CA VAL A 240 18.78 -8.88 3.10
C VAL A 240 18.29 -10.03 2.24
N GLY A 241 18.05 -9.75 0.96
CA GLY A 241 17.55 -10.79 0.08
C GLY A 241 17.69 -10.41 -1.38
N THR A 242 16.97 -11.14 -2.23
CA THR A 242 17.03 -10.96 -3.67
C THR A 242 15.61 -10.94 -4.22
N GLU A 243 15.22 -9.83 -4.84
CA GLU A 243 14.01 -9.79 -5.63
C GLU A 243 14.30 -10.36 -7.02
N TYR A 244 13.27 -10.92 -7.66
CA TYR A 244 13.48 -11.56 -8.94
C TYR A 244 12.15 -11.64 -9.69
N GLY A 245 12.24 -11.54 -11.01
CA GLY A 245 11.11 -11.82 -11.87
C GLY A 245 10.49 -10.55 -12.43
N THR A 246 9.77 -10.73 -13.53
CA THR A 246 8.99 -9.71 -14.21
C THR A 246 7.62 -10.29 -14.53
N PRO A 247 6.63 -9.45 -14.86
CA PRO A 247 5.32 -9.99 -15.24
C PRO A 247 5.39 -10.96 -16.42
N SER A 248 6.35 -10.78 -17.32
CA SER A 248 6.53 -11.68 -18.45
C SER A 248 7.45 -12.85 -18.14
N THR A 249 8.03 -12.90 -16.94
CA THR A 249 8.88 -14.01 -16.55
C THR A 249 8.02 -15.20 -16.11
N THR A 250 8.15 -16.31 -16.83
CA THR A 250 7.43 -17.54 -16.50
C THR A 250 8.31 -18.57 -15.80
N SER A 251 9.60 -18.63 -16.17
CA SER A 251 10.57 -19.50 -15.54
C SER A 251 11.62 -18.66 -14.82
N ALA A 252 11.85 -18.97 -13.55
CA ALA A 252 12.79 -18.22 -12.71
C ALA A 252 13.68 -19.21 -11.96
N HIS A 253 14.91 -19.37 -12.43
CA HIS A 253 15.91 -20.20 -11.77
C HIS A 253 16.97 -19.30 -11.16
N LEU A 254 17.28 -19.53 -9.88
CA LEU A 254 18.12 -18.63 -9.12
C LEU A 254 18.90 -19.42 -8.08
N GLU A 255 20.14 -18.99 -7.83
CA GLU A 255 20.97 -19.58 -6.80
C GLU A 255 21.91 -18.50 -6.25
N TRP A 256 22.05 -18.46 -4.93
CA TRP A 256 23.01 -17.54 -4.33
C TRP A 256 23.44 -18.06 -2.96
N TRP A 257 24.60 -17.58 -2.53
CA TRP A 257 25.15 -17.86 -1.21
C TRP A 257 25.34 -16.54 -0.48
N PHE A 258 24.88 -16.46 0.76
CA PHE A 258 25.23 -15.36 1.66
C PHE A 258 26.23 -15.95 2.67
N TYR A 259 27.52 -15.75 2.41
CA TYR A 259 28.53 -16.34 3.28
C TYR A 259 28.53 -15.71 4.66
N ASN A 260 28.19 -14.42 4.76
CA ASN A 260 28.11 -13.76 6.05
C ASN A 260 27.12 -12.61 5.95
N VAL A 261 26.27 -12.47 6.97
CA VAL A 261 25.43 -11.31 7.17
C VAL A 261 25.66 -10.84 8.59
N SER A 262 26.24 -9.65 8.75
CA SER A 262 26.69 -9.19 10.06
C SER A 262 26.31 -7.73 10.26
N LEU A 263 26.03 -7.39 11.52
CA LEU A 263 25.73 -6.02 11.93
C LEU A 263 26.65 -5.64 13.09
N GLU A 264 27.35 -4.53 12.95
CA GLU A 264 28.17 -3.99 14.03
C GLU A 264 27.55 -2.67 14.50
N TYR A 265 27.10 -2.65 15.75
CA TYR A 265 26.55 -1.44 16.34
C TYR A 265 27.67 -0.48 16.74
N ARG A 266 27.36 0.81 16.75
CA ARG A 266 28.30 1.86 17.13
C ARG A 266 27.66 2.69 18.24
N PRO A 267 27.68 2.19 19.48
CA PRO A 267 27.06 2.93 20.58
C PRO A 267 27.70 4.30 20.76
N GLY A 268 26.86 5.32 20.92
CA GLY A 268 27.32 6.69 21.04
C GLY A 268 27.48 7.42 19.73
N GLU A 269 27.53 6.71 18.61
CA GLU A 269 27.64 7.34 17.30
C GLU A 269 26.25 7.54 16.72
N PRO A 270 25.83 8.78 16.46
CA PRO A 270 24.44 9.01 16.04
C PRO A 270 24.16 8.41 14.66
N LEU A 271 22.94 7.88 14.52
CA LEU A 271 22.52 7.33 13.23
C LEU A 271 22.27 8.44 12.23
N LEU A 272 21.76 9.58 12.68
CA LEU A 272 21.45 10.71 11.80
C LEU A 272 22.64 11.67 11.76
N SER A 273 22.95 12.13 10.55
CA SER A 273 24.04 13.09 10.34
C SER A 273 23.89 13.68 8.94
N GLN A 274 24.76 14.64 8.63
CA GLN A 274 24.86 15.18 7.28
C GLN A 274 26.14 16.00 7.12
N PHE B 1 -36.02 21.67 14.86
CA PHE B 1 -36.60 20.43 15.38
C PHE B 1 -35.83 19.21 14.89
N GLN B 2 -34.79 19.46 14.10
CA GLN B 2 -34.07 18.39 13.42
C GLN B 2 -33.01 17.78 14.34
N GLY B 3 -33.11 16.48 14.58
CA GLY B 3 -32.01 15.77 15.16
C GLY B 3 -30.86 15.68 14.17
N VAL B 4 -29.65 15.90 14.67
CA VAL B 4 -28.47 15.98 13.81
C VAL B 4 -27.33 15.20 14.46
N ILE B 5 -26.63 14.41 13.64
CA ILE B 5 -25.40 13.75 14.05
C ILE B 5 -24.24 14.57 13.48
N LYS B 6 -23.51 15.24 14.36
CA LYS B 6 -22.46 16.17 13.94
C LYS B 6 -21.10 15.67 14.42
N ILE B 7 -20.14 15.62 13.48
CA ILE B 7 -18.74 15.37 13.80
C ILE B 7 -17.94 16.57 13.33
N ARG B 8 -16.83 16.84 14.02
CA ARG B 8 -16.08 18.07 13.79
C ARG B 8 -14.60 17.82 14.00
N TYR B 9 -13.77 18.35 13.09
CA TYR B 9 -12.32 18.33 13.11
C TYR B 9 -11.78 19.73 13.36
N PRO B 10 -10.79 19.89 14.25
CA PRO B 10 -10.11 18.84 15.02
C PRO B 10 -10.70 18.60 16.42
N ASP B 11 -11.88 19.15 16.68
CA ASP B 11 -12.49 19.04 18.01
C ASP B 11 -12.62 17.58 18.43
N ASP B 12 -13.19 16.75 17.56
CA ASP B 12 -13.37 15.32 17.84
C ASP B 12 -12.09 14.51 17.64
N GLY B 13 -10.93 15.15 17.65
CA GLY B 13 -9.69 14.45 17.41
C GLY B 13 -9.32 14.42 15.94
N GLN B 14 -8.41 13.50 15.61
CA GLN B 14 -7.89 13.39 14.26
C GLN B 14 -8.71 12.47 13.37
N TRP B 15 -9.64 11.70 13.93
CA TRP B 15 -10.50 10.80 13.16
C TRP B 15 -11.95 11.00 13.56
N PRO B 16 -12.55 12.15 13.22
CA PRO B 16 -13.96 12.36 13.53
C PRO B 16 -14.83 11.40 12.72
N GLU B 17 -15.68 10.66 13.42
CA GLU B 17 -16.50 9.64 12.78
C GLU B 17 -17.70 9.35 13.66
N ALA B 18 -18.78 8.89 13.03
CA ALA B 18 -20.00 8.56 13.76
C ALA B 18 -20.83 7.59 12.95
N PRO B 19 -21.50 6.63 13.59
CA PRO B 19 -22.42 5.78 12.85
C PRO B 19 -23.78 6.43 12.68
N ILE B 20 -24.45 6.06 11.60
CA ILE B 20 -25.81 6.50 11.31
C ILE B 20 -26.71 5.29 11.58
N ASP B 21 -27.45 5.33 12.70
CA ASP B 21 -28.21 4.19 13.19
C ASP B 21 -29.58 4.70 13.65
N GLY B 22 -30.48 4.91 12.68
CA GLY B 22 -31.81 5.36 13.03
C GLY B 22 -32.60 4.32 13.81
N ASP B 23 -32.47 3.05 13.43
CA ASP B 23 -33.24 1.99 14.06
C ASP B 23 -32.61 1.48 15.36
N GLY B 24 -31.42 1.93 15.72
CA GLY B 24 -30.80 1.61 16.99
C GLY B 24 -30.52 0.14 17.23
N ASP B 25 -30.36 -0.65 16.18
CA ASP B 25 -30.10 -2.09 16.33
C ASP B 25 -28.65 -2.41 16.66
N GLY B 26 -27.76 -1.42 16.61
CA GLY B 26 -26.35 -1.67 16.76
C GLY B 26 -25.61 -1.88 15.46
N ASN B 27 -26.33 -2.05 14.35
CA ASN B 27 -25.74 -2.17 13.03
C ASN B 27 -26.13 -0.94 12.21
N PRO B 28 -25.19 -0.05 11.87
CA PRO B 28 -25.57 1.20 11.21
C PRO B 28 -25.94 0.96 9.75
N GLU B 29 -26.83 1.84 9.24
CA GLU B 29 -27.10 1.85 7.81
C GLU B 29 -25.94 2.45 7.04
N PHE B 30 -25.30 3.48 7.60
CA PHE B 30 -24.15 4.11 7.00
C PHE B 30 -23.19 4.56 8.09
N TYR B 31 -22.02 5.02 7.68
CA TYR B 31 -20.99 5.51 8.58
C TYR B 31 -20.35 6.72 7.94
N ILE B 32 -20.25 7.82 8.68
CA ILE B 32 -19.68 9.07 8.17
C ILE B 32 -18.33 9.29 8.82
N GLU B 33 -17.37 9.77 8.02
CA GLU B 33 -16.03 10.08 8.49
C GLU B 33 -15.57 11.37 7.82
N ILE B 34 -14.95 12.26 8.61
CA ILE B 34 -14.30 13.41 8.00
C ILE B 34 -13.00 12.99 7.33
N ASN B 35 -12.31 11.99 7.90
CA ASN B 35 -11.22 11.29 7.24
C ASN B 35 -10.17 12.22 6.62
N PRO B 36 -9.49 13.06 7.43
CA PRO B 36 -8.38 13.87 6.91
C PRO B 36 -7.06 13.11 6.99
N TRP B 37 -7.01 11.95 6.32
CA TRP B 37 -5.99 10.94 6.59
C TRP B 37 -4.58 11.39 6.25
N ASN B 38 -4.42 12.45 5.44
CA ASN B 38 -3.09 12.98 5.12
C ASN B 38 -2.83 14.33 5.76
N ILE B 39 -3.77 14.86 6.53
CA ILE B 39 -3.56 16.13 7.22
C ILE B 39 -2.73 15.86 8.48
N GLN B 40 -1.54 16.45 8.53
CA GLN B 40 -0.67 16.32 9.69
C GLN B 40 -0.82 17.49 10.67
N SER B 41 -1.01 18.69 10.16
CA SER B 41 -1.35 19.85 11.00
C SER B 41 -2.14 20.82 10.14
N ALA B 42 -3.04 21.55 10.78
CA ALA B 42 -3.93 22.43 10.03
C ALA B 42 -4.53 23.48 10.96
N GLU B 43 -4.60 24.71 10.47
CA GLU B 43 -5.38 25.76 11.12
C GLU B 43 -6.78 25.78 10.54
N GLY B 44 -7.77 26.02 11.39
CA GLY B 44 -9.14 26.04 10.94
C GLY B 44 -9.96 24.87 11.44
N TYR B 45 -10.95 24.45 10.67
CA TYR B 45 -11.87 23.43 11.13
C TYR B 45 -12.49 22.71 9.94
N ALA B 46 -13.13 21.59 10.23
CA ALA B 46 -14.02 20.90 9.32
C ALA B 46 -15.19 20.37 10.12
N GLU B 47 -16.37 20.34 9.50
CA GLU B 47 -17.56 19.89 10.20
C GLU B 47 -18.48 19.17 9.23
N MET B 48 -19.02 18.03 9.65
CA MET B 48 -19.97 17.26 8.87
C MET B 48 -21.20 17.00 9.73
N THR B 49 -22.38 17.27 9.17
CA THR B 49 -23.64 17.06 9.86
C THR B 49 -24.53 16.15 9.02
N TYR B 50 -25.15 15.17 9.66
CA TYR B 50 -26.15 14.33 9.04
C TYR B 50 -27.51 14.66 9.63
N ASN B 51 -28.40 15.19 8.80
CA ASN B 51 -29.75 15.54 9.23
C ASN B 51 -30.59 14.27 9.31
N LEU B 52 -31.11 13.97 10.50
CA LEU B 52 -31.80 12.71 10.71
C LEU B 52 -33.21 12.73 10.14
N SER B 53 -33.82 13.90 9.99
CA SER B 53 -35.17 13.97 9.47
C SER B 53 -35.19 14.09 7.95
N THR B 54 -34.24 14.81 7.36
CA THR B 54 -34.20 15.01 5.91
C THR B 54 -33.20 14.10 5.21
N GLY B 55 -32.26 13.50 5.95
CA GLY B 55 -31.29 12.62 5.35
C GLY B 55 -30.16 13.29 4.60
N VAL B 56 -30.11 14.62 4.59
CA VAL B 56 -29.08 15.34 3.84
C VAL B 56 -27.80 15.36 4.65
N LEU B 57 -26.69 15.02 4.00
CA LEU B 57 -25.37 15.09 4.62
C LEU B 57 -24.69 16.39 4.20
N HIS B 58 -24.32 17.20 5.18
CA HIS B 58 -23.71 18.50 4.96
C HIS B 58 -22.28 18.50 5.47
N TYR B 59 -21.38 19.13 4.73
CA TYR B 59 -19.96 19.17 5.08
C TYR B 59 -19.42 20.56 4.78
N VAL B 60 -18.85 21.21 5.79
CA VAL B 60 -18.25 22.53 5.66
C VAL B 60 -16.81 22.46 6.14
N GLN B 61 -15.88 22.88 5.28
CA GLN B 61 -14.45 22.79 5.57
C GLN B 61 -13.78 24.13 5.28
N ALA B 62 -12.93 24.57 6.21
CA ALA B 62 -12.21 25.83 6.10
C ALA B 62 -10.84 25.64 6.77
N LEU B 63 -9.99 24.85 6.12
CA LEU B 63 -8.67 24.53 6.66
C LEU B 63 -7.62 25.41 6.00
N ASP B 64 -6.67 25.87 6.80
CA ASP B 64 -5.61 26.76 6.35
C ASP B 64 -4.26 26.29 6.88
N ASP B 65 -3.20 26.65 6.14
CA ASP B 65 -1.83 26.31 6.51
C ASP B 65 -1.67 24.80 6.71
N ILE B 66 -1.95 24.07 5.64
CA ILE B 66 -1.98 22.61 5.69
C ILE B 66 -0.56 22.07 5.68
N THR B 67 -0.24 21.23 6.66
CA THR B 67 0.94 20.38 6.62
C THR B 67 0.47 18.94 6.39
N LEU B 68 1.09 18.27 5.43
CA LEU B 68 0.66 16.93 5.04
C LEU B 68 1.49 15.87 5.74
N LYS B 69 0.87 14.71 5.94
CA LYS B 69 1.58 13.56 6.51
C LYS B 69 2.58 12.99 5.51
N ASN B 70 2.09 12.63 4.33
CA ASN B 70 2.91 12.15 3.23
C ASN B 70 2.66 13.08 2.04
N GLY B 71 3.57 13.99 1.80
CA GLY B 71 3.43 14.90 0.69
C GLY B 71 3.30 14.14 -0.59
N GLY B 72 3.81 12.92 -0.59
CA GLY B 72 3.78 11.98 -1.69
C GLY B 72 2.42 11.53 -2.05
N SER B 73 1.62 11.36 -1.03
CA SER B 73 0.30 10.88 -1.18
C SER B 73 -0.68 11.81 -1.88
N TRP B 74 -0.24 13.02 -2.19
CA TRP B 74 -1.00 14.05 -2.90
C TRP B 74 -2.25 14.64 -2.27
N VAL B 75 -3.29 13.84 -2.16
CA VAL B 75 -4.59 14.22 -1.60
C VAL B 75 -4.50 14.52 -0.11
N HIS B 76 -5.30 15.46 0.37
CA HIS B 76 -5.28 15.80 1.80
C HIS B 76 -6.16 14.87 2.62
N GLY B 77 -7.37 14.60 2.16
CA GLY B 77 -8.29 13.77 2.91
C GLY B 77 -9.39 13.23 2.01
N TYR B 78 -10.38 12.61 2.65
CA TYR B 78 -11.48 11.97 1.94
C TYR B 78 -12.70 11.92 2.84
N PRO B 79 -13.30 13.08 3.12
CA PRO B 79 -14.56 13.09 3.89
C PRO B 79 -15.63 12.32 3.13
N GLU B 80 -16.28 11.39 3.83
CA GLU B 80 -17.06 10.37 3.13
C GLU B 80 -18.20 9.88 3.99
N ILE B 81 -19.13 9.18 3.33
CA ILE B 81 -20.10 8.29 3.95
C ILE B 81 -20.04 6.98 3.18
N PHE B 82 -20.05 5.86 3.90
CA PHE B 82 -19.88 4.57 3.23
C PHE B 82 -20.86 3.56 3.80
N TYR B 83 -21.12 2.54 2.98
CA TYR B 83 -21.91 1.37 3.39
C TYR B 83 -21.07 0.12 3.16
N GLY B 84 -21.07 -0.78 4.13
CA GLY B 84 -20.30 -2.01 4.05
C GLY B 84 -19.28 -2.10 5.16
N ASN B 85 -18.17 -2.78 4.86
CA ASN B 85 -17.06 -2.94 5.79
C ASN B 85 -15.87 -2.14 5.26
N LYS B 86 -15.52 -1.07 5.95
CA LYS B 86 -14.31 -0.32 5.60
C LYS B 86 -13.10 -1.11 6.07
N PRO B 87 -12.19 -1.50 5.17
CA PRO B 87 -11.07 -2.37 5.57
C PRO B 87 -9.95 -1.65 6.29
N TRP B 88 -10.00 -0.32 6.41
CA TRP B 88 -8.90 0.45 6.95
C TRP B 88 -9.04 0.77 8.43
N ASN B 89 -10.23 0.61 9.00
CA ASN B 89 -10.44 0.77 10.44
C ASN B 89 -11.45 -0.27 10.90
N ASN B 90 -11.98 -0.07 12.10
CA ASN B 90 -12.92 -1.02 12.70
C ASN B 90 -14.37 -0.71 12.39
N ASN B 91 -14.65 0.36 11.64
CA ASN B 91 -16.03 0.75 11.39
C ASN B 91 -16.67 -0.13 10.32
N TYR B 92 -17.98 -0.30 10.44
CA TYR B 92 -18.75 -1.04 9.45
C TYR B 92 -20.18 -0.56 9.47
N ALA B 93 -20.92 -0.89 8.40
CA ALA B 93 -22.34 -0.54 8.31
C ALA B 93 -22.96 -1.50 7.28
N THR B 94 -23.61 -2.55 7.77
CA THR B 94 -24.18 -3.57 6.90
C THR B 94 -25.69 -3.66 7.01
N ASP B 95 -26.34 -2.71 7.67
CA ASP B 95 -27.80 -2.66 7.75
C ASP B 95 -28.32 -2.04 6.45
N GLY B 96 -28.41 -2.87 5.41
CA GLY B 96 -28.82 -2.38 4.12
C GLY B 96 -29.18 -3.50 3.17
N GLU B 97 -29.63 -3.10 1.99
CA GLU B 97 -30.12 -4.05 0.99
C GLU B 97 -29.00 -4.93 0.47
N VAL B 98 -27.89 -4.32 0.04
CA VAL B 98 -26.81 -5.04 -0.64
C VAL B 98 -25.96 -5.79 0.39
N PRO B 99 -25.86 -7.12 0.27
CA PRO B 99 -25.10 -7.88 1.28
C PRO B 99 -23.60 -7.66 1.19
N LEU B 100 -23.14 -6.48 1.61
CA LEU B 100 -21.71 -6.26 1.69
C LEU B 100 -21.23 -6.47 3.12
N PRO B 101 -20.08 -7.13 3.33
CA PRO B 101 -19.18 -7.64 2.29
C PRO B 101 -19.65 -8.96 1.68
N GLY B 102 -19.19 -9.25 0.47
N GLY B 102 -19.19 -9.23 0.47
CA GLY B 102 -19.56 -10.47 -0.21
CA GLY B 102 -19.55 -10.47 -0.21
C GLY B 102 -18.73 -10.72 -1.44
C GLY B 102 -18.68 -10.72 -1.42
N LYS B 103 -18.46 -11.99 -1.75
CA LYS B 103 -17.66 -12.33 -2.92
C LYS B 103 -18.34 -11.82 -4.19
N VAL B 104 -17.54 -11.25 -5.09
CA VAL B 104 -18.08 -10.75 -6.34
C VAL B 104 -18.59 -11.89 -7.21
N SER B 105 -18.11 -13.12 -6.98
CA SER B 105 -18.62 -14.27 -7.71
C SER B 105 -20.00 -14.69 -7.21
N ASN B 106 -20.36 -14.33 -5.97
CA ASN B 106 -21.68 -14.63 -5.43
C ASN B 106 -22.63 -13.44 -5.44
N LEU B 107 -22.10 -12.23 -5.57
CA LEU B 107 -22.91 -11.03 -5.42
C LEU B 107 -23.79 -10.80 -6.64
N SER B 108 -24.99 -10.29 -6.40
CA SER B 108 -25.84 -9.83 -7.49
C SER B 108 -25.63 -8.34 -7.74
N ASN B 109 -26.12 -7.87 -8.88
CA ASN B 109 -25.92 -6.49 -9.28
C ASN B 109 -26.70 -5.53 -8.38
N PHE B 110 -26.27 -4.27 -8.36
CA PHE B 110 -26.98 -3.23 -7.63
C PHE B 110 -26.64 -1.88 -8.25
N TYR B 111 -27.49 -0.90 -7.98
CA TYR B 111 -27.35 0.45 -8.50
C TYR B 111 -27.10 1.42 -7.37
N LEU B 112 -26.11 2.30 -7.53
CA LEU B 112 -25.82 3.36 -6.57
C LEU B 112 -26.40 4.67 -7.08
N SER B 113 -27.19 5.32 -6.23
CA SER B 113 -27.76 6.63 -6.54
C SER B 113 -27.16 7.68 -5.61
N VAL B 114 -26.81 8.83 -6.18
CA VAL B 114 -26.24 9.93 -5.42
C VAL B 114 -26.88 11.23 -5.87
N SER B 115 -27.16 12.11 -4.90
CA SER B 115 -27.65 13.46 -5.17
C SER B 115 -26.78 14.44 -4.40
N TYR B 116 -26.10 15.34 -5.10
CA TYR B 116 -25.10 16.16 -4.45
C TYR B 116 -24.98 17.52 -5.13
N LYS B 117 -24.24 18.41 -4.46
CA LYS B 117 -23.87 19.72 -5.00
C LYS B 117 -22.55 20.12 -4.35
N LEU B 118 -21.51 20.29 -5.17
CA LEU B 118 -20.16 20.55 -4.68
C LEU B 118 -19.82 22.03 -4.82
N LEU B 119 -19.04 22.53 -3.86
CA LEU B 119 -18.58 23.92 -3.84
C LEU B 119 -17.16 24.00 -3.35
N PRO B 120 -16.18 23.68 -4.20
CA PRO B 120 -14.79 24.02 -3.89
C PRO B 120 -14.57 25.52 -4.02
N LYS B 121 -13.79 26.08 -3.12
CA LYS B 121 -13.51 27.50 -3.11
C LYS B 121 -12.08 27.76 -3.56
N ASN B 122 -11.89 28.87 -4.27
CA ASN B 122 -10.58 29.27 -4.77
C ASN B 122 -9.93 28.20 -5.63
N GLY B 123 -10.73 27.45 -6.38
CA GLY B 123 -10.20 26.42 -7.24
C GLY B 123 -9.47 25.33 -6.51
N LEU B 124 -9.91 24.98 -5.31
CA LEU B 124 -9.30 23.87 -4.57
C LEU B 124 -9.46 22.59 -5.38
N PRO B 125 -8.36 21.89 -5.70
CA PRO B 125 -8.48 20.62 -6.43
C PRO B 125 -9.27 19.60 -5.63
N ILE B 126 -10.39 19.15 -6.20
CA ILE B 126 -11.28 18.19 -5.55
C ILE B 126 -11.75 17.17 -6.59
N ASN B 127 -12.42 16.14 -6.11
CA ASN B 127 -13.18 15.24 -6.97
C ASN B 127 -14.40 14.75 -6.19
N PHE B 128 -15.35 14.18 -6.93
CA PHE B 128 -16.42 13.38 -6.34
C PHE B 128 -16.08 11.92 -6.63
N ALA B 129 -15.65 11.20 -5.60
CA ALA B 129 -15.05 9.88 -5.78
C ALA B 129 -15.85 8.83 -5.03
N ILE B 130 -16.45 7.91 -5.80
CA ILE B 130 -16.98 6.66 -5.26
C ILE B 130 -15.86 5.63 -5.30
N GLU B 131 -15.61 4.95 -4.17
CA GLU B 131 -14.52 3.99 -4.14
C GLU B 131 -14.95 2.73 -3.39
N SER B 132 -14.40 1.61 -3.81
CA SER B 132 -14.70 0.30 -3.27
C SER B 132 -13.40 -0.47 -3.07
N TRP B 133 -13.33 -1.26 -2.00
CA TRP B 133 -12.19 -2.11 -1.72
C TRP B 133 -12.57 -3.58 -1.88
N LEU B 134 -11.70 -4.36 -2.49
CA LEU B 134 -11.93 -5.77 -2.74
C LEU B 134 -10.81 -6.57 -2.09
N THR B 135 -11.13 -7.34 -1.06
CA THR B 135 -10.14 -8.01 -0.24
C THR B 135 -10.36 -9.51 -0.25
N ARG B 136 -9.31 -10.25 0.17
CA ARG B 136 -9.39 -11.70 0.18
C ARG B 136 -10.26 -12.22 1.32
N GLU B 137 -10.45 -11.43 2.38
CA GLU B 137 -11.26 -11.83 3.52
C GLU B 137 -12.41 -10.84 3.71
N PRO B 138 -13.53 -11.29 4.28
CA PRO B 138 -14.71 -10.40 4.31
C PRO B 138 -14.61 -9.28 5.34
N TRP B 139 -14.14 -9.57 6.55
CA TRP B 139 -14.17 -8.60 7.65
C TRP B 139 -12.74 -8.13 7.96
N ARG B 140 -12.19 -7.35 7.05
CA ARG B 140 -10.83 -6.84 7.18
C ARG B 140 -10.84 -5.54 7.99
N ASN B 141 -9.84 -5.40 8.87
CA ASN B 141 -9.67 -4.18 9.65
C ASN B 141 -8.27 -3.60 9.62
N SER B 142 -7.29 -4.30 9.01
CA SER B 142 -5.89 -3.93 9.12
C SER B 142 -5.30 -3.31 7.86
N GLY B 143 -6.03 -3.27 6.75
CA GLY B 143 -5.53 -2.62 5.56
C GLY B 143 -5.69 -3.49 4.34
N ILE B 144 -4.88 -3.20 3.33
CA ILE B 144 -4.97 -3.83 2.02
C ILE B 144 -3.64 -4.47 1.68
N ASN B 145 -3.69 -5.63 1.02
CA ASN B 145 -2.52 -6.38 0.61
C ASN B 145 -2.29 -6.24 -0.89
N SER B 146 -1.18 -6.80 -1.36
CA SER B 146 -0.76 -6.61 -2.75
C SER B 146 -1.72 -7.29 -3.73
N ASP B 147 -2.30 -8.43 -3.35
CA ASP B 147 -3.20 -9.17 -4.22
C ASP B 147 -4.65 -8.73 -4.08
N GLU B 148 -4.90 -7.47 -3.71
CA GLU B 148 -6.24 -6.95 -3.52
C GLU B 148 -6.38 -5.65 -4.32
N GLN B 149 -7.61 -5.15 -4.41
CA GLN B 149 -7.93 -4.09 -5.37
C GLN B 149 -8.63 -2.92 -4.71
N GLU B 150 -8.34 -1.72 -5.21
CA GLU B 150 -9.07 -0.50 -4.87
C GLU B 150 -9.73 0.00 -6.15
N LEU B 151 -11.06 0.12 -6.12
CA LEU B 151 -11.85 0.51 -7.28
C LEU B 151 -12.46 1.89 -7.03
N MET B 152 -12.13 2.84 -7.89
CA MET B 152 -12.61 4.22 -7.77
C MET B 152 -13.48 4.59 -8.96
N ILE B 153 -14.52 5.39 -8.70
CA ILE B 153 -15.40 5.92 -9.72
C ILE B 153 -15.55 7.41 -9.48
N TRP B 154 -14.96 8.22 -10.36
CA TRP B 154 -14.98 9.67 -10.21
C TRP B 154 -16.13 10.26 -11.03
N LEU B 155 -17.09 10.87 -10.34
CA LEU B 155 -18.21 11.53 -11.01
C LEU B 155 -17.96 13.01 -11.25
N TYR B 156 -17.00 13.60 -10.54
CA TYR B 156 -16.59 14.99 -10.77
C TYR B 156 -15.12 15.10 -10.43
N TYR B 157 -14.44 16.05 -11.07
CA TYR B 157 -13.06 16.35 -10.70
C TYR B 157 -12.71 17.74 -11.19
N ASP B 158 -11.67 18.30 -10.57
CA ASP B 158 -11.13 19.60 -10.96
C ASP B 158 -9.72 19.69 -10.42
N GLY B 159 -8.73 19.79 -11.31
CA GLY B 159 -7.35 19.88 -10.87
C GLY B 159 -6.82 18.65 -10.19
N LEU B 160 -7.46 17.50 -10.37
CA LEU B 160 -7.04 16.26 -9.75
C LEU B 160 -6.99 15.14 -10.78
N GLN B 161 -5.99 14.28 -10.66
CA GLN B 161 -5.71 13.23 -11.62
C GLN B 161 -5.56 11.89 -10.91
N PRO B 162 -6.18 10.83 -11.43
CA PRO B 162 -6.03 9.51 -10.80
C PRO B 162 -4.59 9.02 -10.87
N ALA B 163 -4.27 8.09 -9.98
CA ALA B 163 -2.93 7.52 -9.97
C ALA B 163 -2.73 6.60 -11.16
N GLY B 164 -1.47 6.42 -11.54
CA GLY B 164 -1.15 5.49 -12.61
C GLY B 164 -1.41 6.05 -13.98
N SER B 165 -1.81 5.16 -14.90
CA SER B 165 -1.90 5.50 -16.31
C SER B 165 -3.28 5.18 -16.85
N LYS B 166 -3.73 6.00 -17.80
CA LYS B 166 -5.00 5.78 -18.49
C LYS B 166 -4.78 4.71 -19.56
N VAL B 167 -5.41 3.55 -19.37
CA VAL B 167 -5.18 2.41 -20.25
C VAL B 167 -6.32 2.16 -21.23
N LYS B 168 -7.49 2.78 -21.01
CA LYS B 168 -8.68 2.42 -21.76
C LYS B 168 -9.72 3.51 -21.60
N GLU B 169 -10.76 3.43 -22.45
CA GLU B 169 -11.93 4.28 -22.31
C GLU B 169 -13.16 3.41 -22.56
N ILE B 170 -14.10 3.44 -21.61
CA ILE B 170 -15.32 2.65 -21.69
C ILE B 170 -16.51 3.58 -21.64
N ILE B 171 -17.67 3.05 -22.04
CA ILE B 171 -18.93 3.78 -22.03
C ILE B 171 -19.90 3.01 -21.15
N VAL B 172 -20.39 3.67 -20.11
CA VAL B 172 -21.29 3.06 -19.13
C VAL B 172 -22.62 3.80 -19.17
N PRO B 173 -23.74 3.11 -19.32
CA PRO B 173 -25.04 3.80 -19.28
C PRO B 173 -25.42 4.22 -17.86
N ILE B 174 -25.45 5.53 -17.61
CA ILE B 174 -25.82 6.06 -16.30
C ILE B 174 -27.06 6.93 -16.43
N VAL B 175 -27.57 7.43 -15.32
CA VAL B 175 -28.71 8.33 -15.30
C VAL B 175 -28.29 9.61 -14.60
N VAL B 176 -28.43 10.73 -15.31
CA VAL B 176 -28.09 12.05 -14.79
C VAL B 176 -29.37 12.88 -14.75
N ASN B 177 -29.82 13.21 -13.54
CA ASN B 177 -31.00 14.05 -13.34
C ASN B 177 -32.24 13.45 -14.00
N GLY B 178 -32.39 12.13 -13.88
CA GLY B 178 -33.51 11.43 -14.44
C GLY B 178 -33.38 11.02 -15.90
N THR B 179 -32.42 11.61 -16.63
CA THR B 179 -32.26 11.29 -18.04
C THR B 179 -31.15 10.27 -18.22
N PRO B 180 -31.40 9.17 -18.91
CA PRO B 180 -30.33 8.20 -19.17
C PRO B 180 -29.36 8.74 -20.21
N VAL B 181 -28.08 8.44 -20.02
CA VAL B 181 -27.03 8.98 -20.88
C VAL B 181 -25.87 8.00 -20.92
N ASN B 182 -25.27 7.86 -22.09
CA ASN B 182 -24.08 7.03 -22.27
C ASN B 182 -22.85 7.84 -21.88
N ALA B 183 -22.29 7.56 -20.72
CA ALA B 183 -21.14 8.31 -20.21
C ALA B 183 -19.85 7.58 -20.52
N THR B 184 -18.84 8.33 -20.95
CA THR B 184 -17.51 7.77 -21.20
C THR B 184 -16.66 7.94 -19.95
N PHE B 185 -16.00 6.86 -19.55
CA PHE B 185 -15.12 6.86 -18.38
C PHE B 185 -13.70 6.50 -18.80
N GLU B 186 -12.73 7.26 -18.29
CA GLU B 186 -11.34 6.91 -18.46
C GLU B 186 -10.96 5.82 -17.46
N VAL B 187 -10.31 4.77 -17.94
CA VAL B 187 -9.90 3.66 -17.09
C VAL B 187 -8.42 3.86 -16.74
N TRP B 188 -8.16 4.22 -15.49
CA TRP B 188 -6.81 4.44 -15.00
C TRP B 188 -6.36 3.23 -14.18
N LYS B 189 -5.13 2.78 -14.41
CA LYS B 189 -4.57 1.64 -13.71
C LYS B 189 -3.27 2.04 -13.05
N ALA B 190 -3.22 1.94 -11.73
CA ALA B 190 -2.02 2.14 -10.95
C ALA B 190 -1.76 0.89 -10.13
N ASN B 191 -0.49 0.64 -9.82
CA ASN B 191 -0.12 -0.43 -8.90
C ASN B 191 0.70 0.19 -7.77
N ILE B 192 0.08 0.30 -6.60
CA ILE B 192 0.61 1.05 -5.47
C ILE B 192 0.65 0.18 -4.22
N GLY B 193 1.32 -0.97 -4.31
CA GLY B 193 1.22 -1.96 -3.26
C GLY B 193 -0.11 -2.70 -3.25
N TRP B 194 -1.05 -2.29 -4.09
CA TRP B 194 -2.25 -3.05 -4.43
C TRP B 194 -2.70 -2.51 -5.79
N GLU B 195 -3.63 -3.22 -6.43
CA GLU B 195 -4.10 -2.75 -7.72
C GLU B 195 -5.10 -1.61 -7.53
N TYR B 196 -4.86 -0.52 -8.25
CA TYR B 196 -5.67 0.69 -8.19
C TYR B 196 -6.34 0.87 -9.54
N ILE B 197 -7.67 0.87 -9.55
CA ILE B 197 -8.46 1.06 -10.77
C ILE B 197 -9.40 2.23 -10.54
N ALA B 198 -9.30 3.26 -11.38
CA ALA B 198 -10.13 4.45 -11.27
C ALA B 198 -10.85 4.69 -12.59
N PHE B 199 -12.16 4.90 -12.51
CA PHE B 199 -12.99 5.22 -13.68
C PHE B 199 -13.36 6.70 -13.59
N ARG B 200 -12.68 7.53 -14.36
CA ARG B 200 -12.92 8.98 -14.35
C ARG B 200 -13.83 9.34 -15.52
N ILE B 201 -15.03 9.82 -15.20
CA ILE B 201 -15.95 10.26 -16.24
C ILE B 201 -15.32 11.41 -17.03
N LYS B 202 -15.63 11.47 -18.32
CA LYS B 202 -15.06 12.50 -19.18
C LYS B 202 -15.77 13.83 -19.06
N THR B 203 -17.03 13.84 -18.62
CA THR B 203 -17.77 15.07 -18.37
C THR B 203 -18.09 15.16 -16.89
N PRO B 204 -17.34 15.95 -16.11
CA PRO B 204 -17.59 16.03 -14.68
C PRO B 204 -18.95 16.66 -14.39
N ILE B 205 -19.59 16.17 -13.33
CA ILE B 205 -20.90 16.63 -12.89
C ILE B 205 -20.73 17.26 -11.52
N LYS B 206 -20.90 18.59 -11.45
CA LYS B 206 -20.66 19.31 -10.20
C LYS B 206 -21.86 19.25 -9.26
N GLU B 207 -23.07 19.10 -9.80
CA GLU B 207 -24.24 18.90 -8.96
C GLU B 207 -25.30 18.18 -9.77
N GLY B 208 -26.20 17.52 -9.05
CA GLY B 208 -27.31 16.80 -9.65
C GLY B 208 -27.46 15.42 -9.05
N THR B 209 -28.27 14.60 -9.72
CA THR B 209 -28.54 13.24 -9.30
C THR B 209 -27.97 12.28 -10.33
N VAL B 210 -27.09 11.38 -9.89
CA VAL B 210 -26.45 10.40 -10.76
C VAL B 210 -26.72 9.01 -10.20
N THR B 211 -27.16 8.11 -11.08
CA THR B 211 -27.35 6.71 -10.74
C THR B 211 -26.49 5.87 -11.68
N ILE B 212 -25.73 4.94 -11.13
CA ILE B 212 -24.81 4.13 -11.92
C ILE B 212 -25.06 2.65 -11.65
N PRO B 213 -24.88 1.78 -12.65
CA PRO B 213 -24.86 0.32 -12.38
C PRO B 213 -23.47 -0.09 -11.93
N TYR B 214 -23.37 -0.60 -10.69
CA TYR B 214 -22.05 -0.93 -10.15
C TYR B 214 -21.41 -2.09 -10.90
N GLY B 215 -22.21 -3.10 -11.27
CA GLY B 215 -21.68 -4.25 -11.97
C GLY B 215 -20.96 -3.91 -13.25
N ALA B 216 -21.36 -2.81 -13.91
CA ALA B 216 -20.65 -2.37 -15.10
C ALA B 216 -19.22 -2.00 -14.79
N PHE B 217 -18.97 -1.44 -13.60
CA PHE B 217 -17.62 -1.06 -13.21
C PHE B 217 -16.85 -2.24 -12.62
N ILE B 218 -17.54 -3.16 -11.94
CA ILE B 218 -16.87 -4.36 -11.46
C ILE B 218 -16.40 -5.22 -12.61
N SER B 219 -17.23 -5.34 -13.66
CA SER B 219 -16.85 -6.14 -14.81
C SER B 219 -15.71 -5.47 -15.59
N ALA B 220 -15.75 -4.15 -15.72
CA ALA B 220 -14.67 -3.44 -16.40
C ALA B 220 -13.35 -3.60 -15.67
N ALA B 221 -13.39 -3.48 -14.33
CA ALA B 221 -12.18 -3.70 -13.54
C ALA B 221 -11.72 -5.14 -13.65
N ALA B 222 -12.66 -6.08 -13.70
CA ALA B 222 -12.30 -7.48 -13.97
C ALA B 222 -11.66 -7.63 -15.34
N ASN B 223 -12.05 -6.78 -16.30
CA ASN B 223 -11.55 -6.90 -17.66
C ASN B 223 -10.13 -6.34 -17.81
N VAL B 224 -9.69 -5.48 -16.91
CA VAL B 224 -8.37 -4.85 -17.00
C VAL B 224 -7.46 -5.26 -15.86
N THR B 225 -7.93 -6.10 -14.93
CA THR B 225 -7.16 -6.42 -13.73
C THR B 225 -5.90 -7.20 -14.06
N SER B 226 -4.91 -7.08 -13.18
CA SER B 226 -3.72 -7.92 -13.20
C SER B 226 -3.68 -8.86 -12.00
N LEU B 227 -4.81 -9.01 -11.30
CA LEU B 227 -4.88 -9.85 -10.11
C LEU B 227 -5.34 -11.26 -10.49
N ALA B 228 -4.73 -12.25 -9.85
CA ALA B 228 -5.18 -13.63 -9.98
C ALA B 228 -6.41 -13.87 -9.12
N ASN B 229 -7.31 -14.72 -9.61
CA ASN B 229 -8.52 -15.11 -8.89
C ASN B 229 -9.31 -13.89 -8.45
N TYR B 230 -9.59 -13.01 -9.41
CA TYR B 230 -10.30 -11.78 -9.11
C TYR B 230 -11.69 -12.05 -8.54
N THR B 231 -12.39 -13.05 -9.10
CA THR B 231 -13.77 -13.30 -8.71
C THR B 231 -13.91 -13.81 -7.28
N GLU B 232 -12.80 -14.28 -6.68
CA GLU B 232 -12.84 -14.72 -5.29
C GLU B 232 -12.76 -13.57 -4.29
N LEU B 233 -12.61 -12.34 -4.76
CA LEU B 233 -12.45 -11.21 -3.87
C LEU B 233 -13.79 -10.79 -3.26
N TYR B 234 -13.73 -10.30 -2.03
CA TYR B 234 -14.90 -9.81 -1.31
C TYR B 234 -15.04 -8.31 -1.57
N LEU B 235 -16.17 -7.91 -2.18
CA LEU B 235 -16.48 -6.49 -2.31
C LEU B 235 -16.81 -5.94 -0.92
N GLU B 236 -15.90 -5.12 -0.38
CA GLU B 236 -15.99 -4.74 1.03
C GLU B 236 -17.09 -3.70 1.27
N ASP B 237 -17.07 -2.61 0.51
CA ASP B 237 -17.92 -1.47 0.84
C ASP B 237 -18.08 -0.57 -0.38
N VAL B 238 -18.99 0.38 -0.26
CA VAL B 238 -19.17 1.44 -1.24
C VAL B 238 -18.98 2.76 -0.49
N GLU B 239 -17.88 3.45 -0.78
CA GLU B 239 -17.57 4.72 -0.13
C GLU B 239 -17.86 5.86 -1.09
N VAL B 240 -18.53 6.90 -0.59
CA VAL B 240 -18.89 8.08 -1.37
C VAL B 240 -18.33 9.31 -0.65
N GLY B 241 -17.42 10.02 -1.32
CA GLY B 241 -16.83 11.18 -0.71
C GLY B 241 -16.15 12.08 -1.72
N THR B 242 -15.36 13.01 -1.19
CA THR B 242 -14.64 14.00 -2.00
C THR B 242 -13.18 14.05 -1.56
N GLU B 243 -12.28 13.60 -2.42
CA GLU B 243 -10.87 13.87 -2.20
C GLU B 243 -10.59 15.34 -2.51
N TYR B 244 -9.52 15.87 -1.89
CA TYR B 244 -9.19 17.28 -2.09
C TYR B 244 -7.74 17.50 -1.73
N GLY B 245 -7.19 18.59 -2.28
CA GLY B 245 -5.87 19.05 -1.90
C GLY B 245 -4.76 18.44 -2.73
N THR B 246 -3.67 19.19 -2.84
CA THR B 246 -2.43 18.79 -3.50
C THR B 246 -1.27 19.15 -2.58
N PRO B 247 -0.07 18.60 -2.83
CA PRO B 247 1.08 18.98 -2.01
C PRO B 247 1.35 20.48 -1.98
N SER B 248 1.02 21.18 -3.05
CA SER B 248 1.22 22.63 -3.13
C SER B 248 0.02 23.42 -2.58
N THR B 249 -0.99 22.75 -2.06
CA THR B 249 -2.18 23.39 -1.52
C THR B 249 -2.04 23.53 -0.01
N THR B 250 -2.00 24.77 0.48
CA THR B 250 -1.92 25.02 1.92
C THR B 250 -3.24 25.48 2.51
N SER B 251 -4.23 25.80 1.68
CA SER B 251 -5.56 26.20 2.14
C SER B 251 -6.60 25.43 1.35
N ALA B 252 -7.54 24.79 2.05
CA ALA B 252 -8.56 23.94 1.43
C ALA B 252 -9.91 24.31 2.01
N HIS B 253 -10.61 25.23 1.33
CA HIS B 253 -11.95 25.62 1.72
C HIS B 253 -12.96 24.93 0.81
N LEU B 254 -13.92 24.23 1.42
CA LEU B 254 -14.79 23.33 0.69
C LEU B 254 -16.12 23.18 1.42
N GLU B 255 -17.20 23.08 0.64
CA GLU B 255 -18.53 22.80 1.17
C GLU B 255 -19.29 21.98 0.14
N TRP B 256 -20.06 21.00 0.61
CA TRP B 256 -20.93 20.26 -0.30
C TRP B 256 -22.09 19.66 0.49
N TRP B 257 -23.06 19.15 -0.26
CA TRP B 257 -24.21 18.43 0.28
C TRP B 257 -24.36 17.11 -0.45
N PHE B 258 -24.66 16.05 0.30
CA PHE B 258 -25.09 14.78 -0.27
C PHE B 258 -26.57 14.65 0.11
N TYR B 259 -27.45 15.05 -0.79
CA TYR B 259 -28.88 15.03 -0.49
C TYR B 259 -29.40 13.61 -0.36
N ASN B 260 -28.77 12.65 -1.04
CA ASN B 260 -29.15 11.25 -0.92
C ASN B 260 -28.00 10.37 -1.39
N VAL B 261 -27.79 9.27 -0.68
CA VAL B 261 -26.90 8.19 -1.11
C VAL B 261 -27.64 6.88 -0.82
N SER B 262 -28.01 6.16 -1.88
CA SER B 262 -28.82 4.96 -1.73
C SER B 262 -28.31 3.88 -2.66
N LEU B 263 -28.59 2.63 -2.29
CA LEU B 263 -28.16 1.45 -3.04
C LEU B 263 -29.37 0.54 -3.24
N GLU B 264 -29.82 0.37 -4.48
CA GLU B 264 -30.89 -0.56 -4.78
C GLU B 264 -30.30 -1.90 -5.21
N TYR B 265 -30.64 -2.96 -4.48
CA TYR B 265 -30.16 -4.29 -4.82
C TYR B 265 -31.05 -4.92 -5.88
N ARG B 266 -30.45 -5.74 -6.74
CA ARG B 266 -31.16 -6.44 -7.81
C ARG B 266 -30.97 -7.95 -7.63
N PRO B 267 -31.73 -8.57 -6.74
CA PRO B 267 -31.62 -10.02 -6.56
C PRO B 267 -31.84 -10.77 -7.87
N GLY B 268 -30.94 -11.71 -8.16
CA GLY B 268 -31.04 -12.56 -9.32
C GLY B 268 -30.26 -12.09 -10.52
N GLU B 269 -29.93 -10.80 -10.60
CA GLU B 269 -29.14 -10.28 -11.71
C GLU B 269 -27.66 -10.36 -11.37
N PRO B 270 -26.84 -10.99 -12.22
CA PRO B 270 -25.42 -11.17 -11.86
C PRO B 270 -24.67 -9.85 -11.86
N LEU B 271 -23.85 -9.64 -10.82
CA LEU B 271 -23.02 -8.44 -10.75
C LEU B 271 -21.92 -8.48 -11.80
N LEU B 272 -21.29 -9.63 -11.97
CA LEU B 272 -20.26 -9.81 -12.99
C LEU B 272 -20.91 -10.14 -14.33
N SER B 273 -20.72 -9.27 -15.32
CA SER B 273 -21.27 -9.49 -16.65
C SER B 273 -20.18 -9.21 -17.68
N GLN B 274 -20.58 -9.01 -18.92
CA GLN B 274 -19.66 -8.73 -20.00
C GLN B 274 -19.05 -7.34 -19.85
N PRO B 275 -17.95 -7.06 -20.55
CA PRO B 275 -17.32 -5.74 -20.42
C PRO B 275 -18.19 -4.67 -21.06
N PRO B 276 -18.19 -3.45 -20.52
CA PRO B 276 -18.95 -2.36 -21.13
C PRO B 276 -18.43 -2.03 -22.52
N ALA B 277 -19.19 -1.22 -23.23
CA ALA B 277 -18.81 -0.81 -24.58
C ALA B 277 -17.57 0.06 -24.55
N GLU B 278 -16.78 -0.01 -25.62
CA GLU B 278 -15.55 0.76 -25.72
C GLU B 278 -15.76 2.03 -26.55
#